data_6GK7
#
_entry.id   6GK7
#
_cell.length_a   93.829
_cell.length_b   60.524
_cell.length_c   91.048
_cell.angle_alpha   90.00
_cell.angle_beta   104.37
_cell.angle_gamma   90.00
#
_symmetry.space_group_name_H-M   'C 1 2 1'
#
loop_
_entity.id
_entity.type
_entity.pdbx_description
1 polymer 'HUMAN FAB ANTIBODY FRAGMENT OF CBTAU-27.1(S31Y,T100I)'
2 polymer 'HUMAN FAB ANTIBODY FRAGMENT OF CBTAU-27.1(S31Y,T100I)'
3 polymer 'HUMAN TAU PEPTIDE A8119 RESIDUES 299-318'
4 non-polymer 'CHLORIDE ION'
5 water water
#
loop_
_entity_poly.entity_id
_entity_poly.type
_entity_poly.pdbx_seq_one_letter_code
_entity_poly.pdbx_strand_id
1 'polypeptide(L)'
;IQLTQSPDSLAVSLGERATINCKSSQSVFYRDNNKNYLAWYQHKSGQPPKLLFFWASSRESGVSDRFSGSGSGTDFTLTI
DNLQAEDVALYYCQHYFNIPHNFGQGTKLEIKRTVAAPSVFIFPPSDEQLKSGTASVVCLLNNFYPREAKVQWKVDNALQ
SGNSQESVTEQDSKDSTYSLSSTLTLSKADYEKHKVYACEVTHQGLSSPVTKSFNR
;
L
2 'polypeptide(L)'
;QVQLVESGPEMRKPGESLKISCKTSGYIFSDYWTAWVRQLPGKGLQWMGIIYSGDSDTRYHPSVQGHVTMSTDSSLTTAY
LQWSSLKASDTGIYYCARLDARVDAGWQLDSWGQGTLVTVSSASTKGPSVFPLAPSSKSTSGGTAALGCLVKDYFPEPVT
VSWNSGALTSGVHTFPAVLQSSGLYSLSSVVTVPSSSLGTQTYICNVNHKPSNTKVDKRVEPK
;
H
3 'polypeptide(L)' IVYKPVDLSKV A
#
loop_
_chem_comp.id
_chem_comp.type
_chem_comp.name
_chem_comp.formula
CL non-polymer 'CHLORIDE ION' 'Cl -1'
#
# COMPACT_ATOMS: atom_id res chain seq x y z
N ILE A 1 -17.21 12.98 17.57
CA ILE A 1 -17.37 11.60 18.16
C ILE A 1 -16.20 10.71 17.71
N GLN A 2 -15.57 10.02 18.67
CA GLN A 2 -14.41 9.14 18.41
C GLN A 2 -14.84 7.66 18.33
N LEU A 3 -14.13 6.89 17.50
CA LEU A 3 -14.34 5.43 17.36
C LEU A 3 -13.08 4.65 17.77
N THR A 4 -13.29 3.65 18.65
CA THR A 4 -12.27 2.71 19.09
C THR A 4 -12.69 1.32 18.61
N GLN A 5 -11.95 0.78 17.65
CA GLN A 5 -12.12 -0.62 17.21
C GLN A 5 -11.46 -1.58 18.18
N SER A 6 -11.86 -2.85 18.11
CA SER A 6 -11.26 -3.93 18.91
C SER A 6 -11.39 -5.29 18.18
N PRO A 7 -10.30 -6.05 17.99
CA PRO A 7 -8.91 -5.73 18.37
C PRO A 7 -8.18 -4.77 17.39
N ASP A 8 -6.91 -4.48 17.67
CA ASP A 8 -6.01 -3.77 16.74
C ASP A 8 -5.52 -4.72 15.63
N SER A 9 -4.98 -5.86 16.04
CA SER A 9 -4.51 -6.93 15.15
C SER A 9 -5.31 -8.21 15.38
N LEU A 10 -5.41 -9.04 14.35
CA LEU A 10 -6.12 -10.33 14.43
C LEU A 10 -5.65 -11.32 13.37
N ALA A 11 -5.23 -12.50 13.82
CA ALA A 11 -4.86 -13.64 12.95
C ALA A 11 -6.00 -14.66 13.02
N VAL A 12 -6.58 -14.99 11.86
CA VAL A 12 -7.71 -15.94 11.74
C VAL A 12 -7.41 -16.95 10.62
N SER A 13 -7.78 -18.22 10.83
CA SER A 13 -7.49 -19.30 9.87
C SER A 13 -8.49 -19.33 8.72
N LEU A 14 -8.04 -19.84 7.56
CA LEU A 14 -8.86 -19.94 6.34
C LEU A 14 -10.05 -20.88 6.54
N GLY A 15 -11.27 -20.31 6.51
CA GLY A 15 -12.52 -21.02 6.78
C GLY A 15 -13.22 -20.72 8.11
N GLU A 16 -12.53 -20.02 9.02
CA GLU A 16 -13.08 -19.64 10.34
C GLU A 16 -13.83 -18.30 10.26
N ARG A 17 -14.61 -18.02 11.30
CA ARG A 17 -15.32 -16.74 11.46
C ARG A 17 -14.37 -15.71 12.05
N ALA A 18 -14.22 -14.57 11.37
CA ALA A 18 -13.45 -13.41 11.86
C ALA A 18 -14.43 -12.36 12.39
N THR A 19 -14.15 -11.84 13.61
CA THR A 19 -15.04 -10.90 14.32
C THR A 19 -14.26 -9.62 14.63
N ILE A 20 -14.75 -8.48 14.10
CA ILE A 20 -14.18 -7.14 14.34
C ILE A 20 -15.30 -6.26 14.90
N ASN A 21 -15.08 -5.68 16.08
CA ASN A 21 -16.06 -4.83 16.77
C ASN A 21 -15.65 -3.36 16.74
N CYS A 22 -16.65 -2.47 16.77
CA CYS A 22 -16.47 -1.01 16.73
C CYS A 22 -17.33 -0.34 17.81
N LYS A 23 -16.72 0.55 18.60
CA LYS A 23 -17.36 1.20 19.77
C LYS A 23 -17.34 2.73 19.67
N SER A 24 -18.52 3.35 19.74
CA SER A 24 -18.69 4.81 19.73
C SER A 24 -18.56 5.37 21.15
N SER A 25 -17.84 6.50 21.28
CA SER A 25 -17.77 7.26 22.54
C SER A 25 -19.11 7.92 22.91
N GLN A 26 -19.88 8.30 21.89
CA GLN A 26 -21.24 8.85 22.03
C GLN A 26 -22.19 7.80 21.44
N SER A 27 -22.83 8.04 20.29
CA SER A 27 -23.96 7.24 19.80
C SER A 27 -24.37 7.75 18.43
N VAL A 28 -24.44 6.85 17.45
CA VAL A 28 -24.70 7.18 16.04
C VAL A 28 -26.06 6.65 15.53
N PHE A 29 -27.00 6.37 16.45
CA PHE A 29 -28.35 5.89 16.12
C PHE A 29 -29.34 7.04 16.38
N TYR A 30 -29.84 7.64 15.29
CA TYR A 30 -30.88 8.68 15.34
C TYR A 30 -32.25 8.00 15.46
N ARG A 31 -32.97 8.28 16.55
CA ARG A 31 -34.24 7.60 16.86
C ARG A 31 -35.39 7.83 15.87
N ASP A 32 -35.38 8.97 15.19
CA ASP A 32 -36.48 9.36 14.28
C ASP A 32 -36.45 8.57 12.97
N ASN A 33 -35.28 8.51 12.34
CA ASN A 33 -35.06 7.76 11.09
C ASN A 33 -35.13 6.23 11.21
N ASN A 34 -34.81 5.69 12.40
CA ASN A 34 -34.56 4.25 12.62
C ASN A 34 -33.40 3.74 11.73
N LYS A 35 -32.26 4.45 11.84
CA LYS A 35 -31.05 4.19 11.04
C LYS A 35 -29.80 4.58 11.84
N ASN A 36 -28.77 3.74 11.73
CA ASN A 36 -27.47 3.95 12.40
C ASN A 36 -26.54 4.65 11.41
N TYR A 37 -26.18 5.90 11.71
CA TYR A 37 -25.25 6.67 10.86
C TYR A 37 -23.82 6.11 11.00
N LEU A 38 -23.56 4.98 10.32
CA LEU A 38 -22.29 4.26 10.40
C LEU A 38 -22.06 3.30 9.22
N ALA A 39 -20.80 3.23 8.78
CA ALA A 39 -20.34 2.42 7.66
C ALA A 39 -19.12 1.57 8.06
N TRP A 40 -18.78 0.61 7.19
CA TRP A 40 -17.58 -0.25 7.31
C TRP A 40 -16.80 -0.28 6.00
N TYR A 41 -15.47 -0.35 6.10
CA TYR A 41 -14.56 -0.28 4.96
C TYR A 41 -13.49 -1.38 5.03
N GLN A 42 -13.07 -1.86 3.86
CA GLN A 42 -11.92 -2.76 3.69
C GLN A 42 -10.85 -1.97 2.96
N HIS A 43 -9.58 -2.21 3.31
CA HIS A 43 -8.43 -1.50 2.72
C HIS A 43 -7.23 -2.45 2.51
N LYS A 44 -7.21 -3.07 1.33
CA LYS A 44 -6.10 -3.93 0.89
C LYS A 44 -4.87 -3.10 0.50
N SER A 45 -3.72 -3.77 0.42
CA SER A 45 -2.47 -3.14 -0.02
C SER A 45 -2.52 -2.84 -1.51
N GLY A 46 -1.97 -1.69 -1.90
CA GLY A 46 -1.94 -1.24 -3.30
C GLY A 46 -3.27 -0.91 -3.96
N GLN A 47 -4.31 -0.67 -3.16
CA GLN A 47 -5.66 -0.32 -3.63
C GLN A 47 -6.25 0.75 -2.68
N PRO A 48 -7.22 1.55 -3.17
CA PRO A 48 -7.92 2.47 -2.26
C PRO A 48 -8.97 1.76 -1.39
N PRO A 49 -9.51 2.44 -0.35
CA PRO A 49 -10.55 1.83 0.49
C PRO A 49 -11.84 1.47 -0.26
N LYS A 50 -12.27 0.22 -0.11
CA LYS A 50 -13.52 -0.30 -0.67
C LYS A 50 -14.57 -0.26 0.44
N LEU A 51 -15.76 0.25 0.12
CA LEU A 51 -16.90 0.30 1.05
C LEU A 51 -17.53 -1.09 1.17
N LEU A 52 -17.74 -1.53 2.42
CA LEU A 52 -18.41 -2.81 2.70
C LEU A 52 -19.88 -2.62 3.04
N PHE A 53 -20.15 -1.82 4.07
CA PHE A 53 -21.49 -1.58 4.61
C PHE A 53 -21.78 -0.11 4.84
N PHE A 54 -23.07 0.20 4.87
CA PHE A 54 -23.58 1.50 5.30
C PHE A 54 -24.97 1.32 5.93
N TRP A 55 -25.40 2.32 6.69
CA TRP A 55 -26.53 2.19 7.64
C TRP A 55 -26.33 0.99 8.60
N ALA A 56 -25.11 0.84 9.11
CA ALA A 56 -24.63 -0.34 9.86
C ALA A 56 -24.69 -1.68 9.11
N SER A 57 -25.91 -2.19 8.86
CA SER A 57 -26.15 -3.53 8.28
C SER A 57 -26.31 -3.64 6.75
N SER A 58 -26.73 -2.58 6.06
CA SER A 58 -27.05 -2.66 4.61
C SER A 58 -25.79 -2.81 3.76
N ARG A 59 -25.79 -3.82 2.88
CA ARG A 59 -24.59 -4.27 2.14
C ARG A 59 -24.44 -3.53 0.79
N GLU A 60 -23.20 -3.17 0.45
CA GLU A 60 -22.88 -2.58 -0.88
C GLU A 60 -23.00 -3.61 -2.00
N SER A 61 -23.27 -3.12 -3.21
CA SER A 61 -23.43 -3.96 -4.41
C SER A 61 -22.09 -4.58 -4.80
N GLY A 62 -22.09 -5.89 -5.05
CA GLY A 62 -20.88 -6.66 -5.34
C GLY A 62 -20.08 -7.20 -4.17
N VAL A 63 -20.41 -6.79 -2.93
CA VAL A 63 -19.68 -7.22 -1.71
C VAL A 63 -20.17 -8.63 -1.35
N SER A 64 -19.26 -9.45 -0.83
CA SER A 64 -19.49 -10.88 -0.61
C SER A 64 -20.62 -11.17 0.41
N ASP A 65 -21.34 -12.26 0.16
CA ASP A 65 -22.40 -12.80 1.04
C ASP A 65 -21.88 -13.19 2.43
N ARG A 66 -20.62 -13.61 2.50
CA ARG A 66 -19.91 -13.95 3.74
C ARG A 66 -19.75 -12.80 4.75
N PHE A 67 -19.63 -11.58 4.25
CA PHE A 67 -19.53 -10.37 5.10
C PHE A 67 -20.91 -10.03 5.68
N SER A 68 -20.95 -9.56 6.94
CA SER A 68 -22.18 -9.14 7.63
C SER A 68 -21.95 -7.88 8.48
N GLY A 69 -22.86 -6.91 8.37
CA GLY A 69 -22.89 -5.71 9.21
C GLY A 69 -23.96 -5.88 10.27
N SER A 70 -23.62 -5.53 11.52
CA SER A 70 -24.53 -5.74 12.66
C SER A 70 -24.20 -4.86 13.88
N GLY A 71 -25.15 -4.83 14.81
CA GLY A 71 -25.06 -4.00 16.03
C GLY A 71 -25.76 -2.67 15.87
N SER A 72 -26.01 -2.02 17.01
CA SER A 72 -26.75 -0.76 17.10
C SER A 72 -26.30 0.09 18.28
N GLY A 73 -26.75 1.35 18.28
CA GLY A 73 -26.38 2.34 19.29
C GLY A 73 -24.90 2.70 19.27
N THR A 74 -24.19 2.29 20.32
CA THR A 74 -22.75 2.52 20.47
C THR A 74 -21.92 1.38 19.85
N ASP A 75 -22.34 0.14 20.07
CA ASP A 75 -21.58 -1.07 19.72
C ASP A 75 -22.00 -1.63 18.34
N PHE A 76 -21.03 -1.84 17.45
CA PHE A 76 -21.23 -2.44 16.12
C PHE A 76 -20.24 -3.58 15.88
N THR A 77 -20.52 -4.39 14.86
CA THR A 77 -19.74 -5.61 14.55
C THR A 77 -19.71 -5.92 13.05
N LEU A 78 -18.49 -6.12 12.52
CA LEU A 78 -18.25 -6.73 11.20
C LEU A 78 -17.92 -8.20 11.42
N THR A 79 -18.57 -9.07 10.62
CA THR A 79 -18.47 -10.53 10.75
C THR A 79 -18.17 -11.14 9.37
N ILE A 80 -16.95 -11.64 9.19
CA ILE A 80 -16.50 -12.32 7.97
C ILE A 80 -16.48 -13.83 8.24
N ASP A 81 -17.53 -14.52 7.79
CA ASP A 81 -17.60 -16.00 7.84
C ASP A 81 -16.76 -16.61 6.71
N ASN A 82 -16.44 -17.90 6.87
CA ASN A 82 -15.69 -18.72 5.88
C ASN A 82 -14.53 -17.96 5.22
N LEU A 83 -13.53 -17.62 6.03
CA LEU A 83 -12.50 -16.64 5.65
C LEU A 83 -11.67 -17.12 4.44
N GLN A 84 -11.70 -16.34 3.36
CA GLN A 84 -10.88 -16.58 2.16
C GLN A 84 -9.60 -15.76 2.22
N ALA A 85 -8.63 -16.14 1.39
CA ALA A 85 -7.29 -15.53 1.39
C ALA A 85 -7.28 -14.05 0.98
N GLU A 86 -8.14 -13.70 0.01
CA GLU A 86 -8.31 -12.29 -0.44
C GLU A 86 -8.80 -11.29 0.61
N ASP A 87 -9.45 -11.78 1.68
CA ASP A 87 -9.90 -10.94 2.81
C ASP A 87 -8.79 -10.30 3.68
N VAL A 88 -7.51 -10.67 3.46
CA VAL A 88 -6.36 -9.96 4.07
C VAL A 88 -6.34 -8.44 3.80
N ALA A 89 -6.65 -7.67 4.84
CA ALA A 89 -6.75 -6.20 4.74
C ALA A 89 -6.80 -5.54 6.12
N LEU A 90 -6.67 -4.22 6.10
CA LEU A 90 -7.03 -3.37 7.24
C LEU A 90 -8.53 -3.06 7.11
N TYR A 91 -9.23 -3.07 8.24
CA TYR A 91 -10.67 -2.80 8.32
C TYR A 91 -10.95 -1.57 9.17
N TYR A 92 -11.85 -0.72 8.67
CA TYR A 92 -12.21 0.55 9.32
C TYR A 92 -13.73 0.69 9.38
N CYS A 93 -14.25 0.84 10.59
CA CYS A 93 -15.59 1.41 10.80
C CYS A 93 -15.50 2.94 10.76
N GLN A 94 -16.60 3.58 10.43
CA GLN A 94 -16.68 5.04 10.29
C GLN A 94 -18.11 5.51 10.53
N HIS A 95 -18.27 6.60 11.29
CA HIS A 95 -19.58 7.24 11.51
C HIS A 95 -19.71 8.48 10.62
N TYR A 96 -20.96 8.87 10.38
CA TYR A 96 -21.31 10.14 9.73
C TYR A 96 -22.55 10.82 10.37
N PHE A 97 -22.73 10.60 11.67
CA PHE A 97 -23.76 11.25 12.51
C PHE A 97 -23.59 12.77 12.56
N ASN A 98 -22.39 13.20 12.97
CA ASN A 98 -21.99 14.62 12.92
C ASN A 98 -20.57 14.76 12.40
N ILE A 99 -20.20 16.00 12.11
CA ILE A 99 -18.88 16.35 11.57
C ILE A 99 -17.90 16.50 12.77
N PRO A 100 -16.70 15.91 12.72
CA PRO A 100 -16.13 15.17 11.58
C PRO A 100 -16.59 13.72 11.47
N HIS A 101 -16.76 13.22 10.24
CA HIS A 101 -17.03 11.79 9.96
C HIS A 101 -15.79 10.92 10.24
N ASN A 102 -15.50 10.70 11.53
CA ASN A 102 -14.27 10.01 11.93
C ASN A 102 -14.30 8.52 11.61
N PHE A 103 -13.18 8.02 11.09
CA PHE A 103 -12.93 6.58 10.99
C PHE A 103 -12.43 6.06 12.34
N GLY A 104 -12.44 4.74 12.49
CA GLY A 104 -11.76 4.08 13.60
C GLY A 104 -10.25 4.04 13.45
N GLN A 105 -9.58 3.57 14.50
CA GLN A 105 -8.11 3.41 14.53
C GLN A 105 -7.54 2.47 13.45
N GLY A 106 -8.31 1.45 13.09
CA GLY A 106 -7.93 0.42 12.12
C GLY A 106 -7.80 -0.93 12.79
N THR A 107 -8.32 -1.98 12.15
CA THR A 107 -8.18 -3.38 12.60
C THR A 107 -7.47 -4.15 11.49
N LYS A 108 -6.25 -4.61 11.75
CA LYS A 108 -5.47 -5.40 10.78
C LYS A 108 -5.88 -6.88 10.88
N LEU A 109 -6.39 -7.42 9.76
CA LEU A 109 -6.73 -8.85 9.63
C LEU A 109 -5.62 -9.59 8.88
N GLU A 110 -4.93 -10.46 9.60
CA GLU A 110 -3.96 -11.40 9.04
C GLU A 110 -4.63 -12.76 8.83
N ILE A 111 -4.14 -13.50 7.84
CA ILE A 111 -4.61 -14.84 7.50
C ILE A 111 -3.60 -15.84 8.07
N LYS A 112 -4.11 -16.91 8.69
CA LYS A 112 -3.30 -18.05 9.13
C LYS A 112 -3.48 -19.22 8.18
N ARG A 113 -2.35 -19.73 7.68
CA ARG A 113 -2.30 -20.89 6.80
C ARG A 113 -1.28 -21.87 7.34
N THR A 114 -1.12 -23.00 6.65
CA THR A 114 -0.08 -23.98 6.95
C THR A 114 1.32 -23.43 6.75
N VAL A 115 2.29 -24.06 7.41
CA VAL A 115 3.70 -23.66 7.32
C VAL A 115 4.20 -23.96 5.90
N ALA A 116 4.76 -22.92 5.26
CA ALA A 116 5.38 -23.02 3.94
C ALA A 116 6.82 -22.56 4.10
N ALA A 117 7.78 -23.44 3.79
CA ALA A 117 9.20 -23.07 3.77
C ALA A 117 9.51 -22.15 2.56
N PRO A 118 10.49 -21.23 2.70
CA PRO A 118 10.84 -20.35 1.57
C PRO A 118 11.60 -21.04 0.45
N SER A 119 11.35 -20.60 -0.78
CA SER A 119 12.22 -20.90 -1.93
C SER A 119 13.29 -19.80 -1.97
N VAL A 120 14.53 -20.14 -1.58
CA VAL A 120 15.63 -19.16 -1.48
C VAL A 120 16.39 -19.10 -2.82
N PHE A 121 16.52 -17.90 -3.36
CA PHE A 121 17.32 -17.62 -4.57
C PHE A 121 18.34 -16.54 -4.26
N ILE A 122 19.42 -16.50 -5.05
CA ILE A 122 20.44 -15.44 -4.94
C ILE A 122 20.81 -14.88 -6.33
N PHE A 123 21.01 -13.56 -6.38
CA PHE A 123 21.44 -12.84 -7.57
C PHE A 123 22.79 -12.19 -7.29
N PRO A 124 23.84 -12.54 -8.05
CA PRO A 124 25.06 -11.74 -8.04
C PRO A 124 24.83 -10.32 -8.60
N PRO A 125 25.76 -9.37 -8.33
CA PRO A 125 25.56 -8.01 -8.85
C PRO A 125 25.75 -7.96 -10.37
N SER A 126 25.02 -7.07 -11.02
CA SER A 126 25.09 -6.90 -12.47
C SER A 126 26.42 -6.26 -12.91
N ASP A 127 26.82 -6.55 -14.14
CA ASP A 127 27.99 -5.90 -14.77
C ASP A 127 27.79 -4.38 -14.97
N GLU A 128 26.53 -3.95 -15.13
CA GLU A 128 26.16 -2.52 -15.16
C GLU A 128 26.50 -1.79 -13.86
N GLN A 129 26.17 -2.41 -12.73
CA GLN A 129 26.44 -1.84 -11.40
C GLN A 129 27.92 -1.84 -11.05
N LEU A 130 28.61 -2.95 -11.32
CA LEU A 130 30.07 -3.08 -11.11
C LEU A 130 30.90 -2.04 -11.89
N LYS A 131 30.45 -1.68 -13.09
CA LYS A 131 31.02 -0.56 -13.85
C LYS A 131 30.80 0.79 -13.15
N SER A 132 29.59 1.00 -12.60
CA SER A 132 29.27 2.22 -11.84
C SER A 132 30.00 2.40 -10.49
N GLY A 133 30.59 1.32 -9.95
CA GLY A 133 31.47 1.39 -8.76
C GLY A 133 31.03 0.65 -7.51
N THR A 134 29.73 0.30 -7.42
CA THR A 134 29.18 -0.48 -6.29
C THR A 134 28.82 -1.93 -6.70
N ALA A 135 28.51 -2.76 -5.70
CA ALA A 135 28.10 -4.17 -5.89
C ALA A 135 27.00 -4.55 -4.91
N SER A 136 25.81 -4.86 -5.42
CA SER A 136 24.66 -5.26 -4.61
C SER A 136 24.28 -6.71 -4.92
N VAL A 137 24.42 -7.59 -3.92
CA VAL A 137 24.04 -9.01 -4.01
C VAL A 137 22.66 -9.15 -3.37
N VAL A 138 21.65 -9.47 -4.18
CA VAL A 138 20.27 -9.70 -3.70
C VAL A 138 20.07 -11.19 -3.39
N CYS A 139 19.66 -11.48 -2.15
CA CYS A 139 19.09 -12.79 -1.75
C CYS A 139 17.58 -12.64 -1.66
N LEU A 140 16.84 -13.60 -2.24
CA LEU A 140 15.39 -13.56 -2.37
C LEU A 140 14.77 -14.81 -1.74
N LEU A 141 14.08 -14.64 -0.60
CA LEU A 141 13.24 -15.69 0.00
C LEU A 141 11.84 -15.51 -0.57
N ASN A 142 11.33 -16.54 -1.23
CA ASN A 142 10.12 -16.44 -2.04
C ASN A 142 9.01 -17.33 -1.48
N ASN A 143 7.89 -16.71 -1.10
CA ASN A 143 6.62 -17.38 -0.76
C ASN A 143 6.72 -18.38 0.40
N PHE A 144 6.64 -17.84 1.62
CA PHE A 144 6.70 -18.61 2.86
C PHE A 144 5.67 -18.15 3.87
N TYR A 145 5.42 -19.00 4.86
CA TYR A 145 4.58 -18.70 6.03
C TYR A 145 5.06 -19.57 7.21
N PRO A 146 5.18 -19.07 8.45
CA PRO A 146 4.81 -17.73 8.90
C PRO A 146 5.77 -16.60 8.52
N ARG A 147 5.35 -15.39 8.88
CA ARG A 147 6.04 -14.11 8.58
C ARG A 147 7.54 -14.04 8.95
N GLU A 148 7.89 -14.67 10.07
CA GLU A 148 9.20 -14.51 10.70
C GLU A 148 10.24 -15.37 9.99
N ALA A 149 11.18 -14.72 9.31
CA ALA A 149 12.36 -15.35 8.71
C ALA A 149 13.63 -14.55 9.02
N LYS A 150 14.74 -15.25 9.24
CA LYS A 150 16.07 -14.65 9.42
C LYS A 150 16.95 -14.94 8.20
N VAL A 151 17.82 -13.97 7.87
CA VAL A 151 18.85 -14.12 6.82
C VAL A 151 20.20 -13.79 7.47
N GLN A 152 21.24 -14.53 7.09
CA GLN A 152 22.62 -14.23 7.48
C GLN A 152 23.49 -14.28 6.24
N TRP A 153 24.18 -13.17 5.95
CA TRP A 153 25.17 -13.07 4.88
C TRP A 153 26.52 -13.57 5.37
N LYS A 154 27.21 -14.33 4.51
CA LYS A 154 28.53 -14.91 4.80
C LYS A 154 29.44 -14.78 3.59
N VAL A 155 30.42 -13.86 3.68
CA VAL A 155 31.40 -13.61 2.64
C VAL A 155 32.66 -14.40 3.01
N ASP A 156 32.96 -15.46 2.24
CA ASP A 156 34.00 -16.46 2.58
C ASP A 156 33.79 -17.04 3.99
N ASN A 157 32.56 -17.51 4.24
CA ASN A 157 32.14 -18.11 5.51
C ASN A 157 32.24 -17.19 6.76
N ALA A 158 32.42 -15.88 6.56
CA ALA A 158 32.68 -14.91 7.62
C ALA A 158 31.43 -14.07 7.74
N LEU A 159 30.81 -14.10 8.93
CA LEU A 159 29.50 -13.48 9.16
C LEU A 159 29.58 -11.98 8.95
N GLN A 160 28.84 -11.50 7.96
CA GLN A 160 28.72 -10.07 7.70
C GLN A 160 27.81 -9.39 8.70
N SER A 161 28.01 -8.08 8.82
CA SER A 161 27.29 -7.23 9.76
C SER A 161 27.43 -5.77 9.31
N GLY A 162 26.33 -5.03 9.34
CA GLY A 162 26.33 -3.60 9.05
C GLY A 162 26.25 -3.14 7.59
N ASN A 163 26.12 -4.08 6.65
CA ASN A 163 26.15 -3.79 5.19
C ASN A 163 25.06 -4.50 4.36
N SER A 164 23.94 -4.83 5.02
CA SER A 164 22.76 -5.45 4.35
C SER A 164 21.47 -4.83 4.86
N GLN A 165 20.46 -4.83 3.98
CA GLN A 165 19.14 -4.23 4.23
C GLN A 165 18.08 -5.16 3.67
N GLU A 166 17.03 -5.43 4.46
CA GLU A 166 15.92 -6.29 4.02
C GLU A 166 14.54 -5.69 4.23
N SER A 167 13.57 -6.32 3.54
CA SER A 167 12.19 -5.88 3.52
C SER A 167 11.27 -7.08 3.24
N VAL A 168 10.22 -7.23 4.07
CA VAL A 168 9.18 -8.26 3.87
C VAL A 168 8.08 -7.64 3.00
N THR A 169 7.43 -8.46 2.20
CA THR A 169 6.18 -8.08 1.52
C THR A 169 5.03 -8.00 2.52
N GLU A 170 3.94 -7.36 2.09
CA GLU A 170 2.62 -7.63 2.66
C GLU A 170 2.25 -9.09 2.38
N GLN A 171 1.30 -9.59 3.17
CA GLN A 171 0.75 -10.92 2.96
C GLN A 171 -0.01 -11.01 1.64
N ASP A 172 0.11 -12.15 0.96
CA ASP A 172 -0.44 -12.36 -0.38
C ASP A 172 -1.95 -12.61 -0.31
N SER A 173 -2.66 -12.13 -1.33
CA SER A 173 -4.13 -12.26 -1.40
C SER A 173 -4.62 -13.59 -1.97
N LYS A 174 -3.75 -14.33 -2.68
CA LYS A 174 -4.10 -15.61 -3.29
C LYS A 174 -3.64 -16.76 -2.40
N ASP A 175 -2.33 -16.93 -2.21
CA ASP A 175 -1.74 -18.04 -1.40
C ASP A 175 -1.27 -17.69 0.05
N SER A 176 -1.64 -16.51 0.56
CA SER A 176 -1.44 -16.12 1.97
C SER A 176 0.02 -16.09 2.51
N THR A 177 1.01 -16.09 1.60
CA THR A 177 2.43 -16.13 1.95
C THR A 177 3.04 -14.73 2.05
N TYR A 178 4.19 -14.67 2.71
CA TYR A 178 5.08 -13.51 2.69
C TYR A 178 6.29 -13.88 1.82
N SER A 179 6.88 -12.86 1.19
CA SER A 179 8.20 -12.95 0.54
C SER A 179 9.11 -11.91 1.17
N LEU A 180 10.42 -12.13 1.02
CA LEU A 180 11.48 -11.26 1.58
C LEU A 180 12.65 -11.14 0.62
N SER A 181 13.19 -9.93 0.49
CA SER A 181 14.47 -9.69 -0.20
C SER A 181 15.47 -9.12 0.80
N SER A 182 16.73 -9.53 0.68
CA SER A 182 17.88 -8.94 1.39
C SER A 182 18.95 -8.53 0.38
N THR A 183 19.55 -7.35 0.57
CA THR A 183 20.55 -6.78 -0.35
C THR A 183 21.87 -6.46 0.38
N LEU A 184 22.85 -7.33 0.22
CA LEU A 184 24.24 -7.08 0.65
C LEU A 184 24.87 -6.10 -0.33
N THR A 185 25.09 -4.87 0.12
CA THR A 185 25.66 -3.80 -0.69
C THR A 185 27.11 -3.56 -0.26
N LEU A 186 28.02 -3.68 -1.21
CA LEU A 186 29.47 -3.47 -1.04
C LEU A 186 29.98 -2.51 -2.11
N SER A 187 31.18 -1.98 -1.90
CA SER A 187 31.93 -1.31 -2.96
C SER A 187 32.48 -2.37 -3.93
N LYS A 188 32.77 -1.95 -5.17
CA LYS A 188 33.44 -2.82 -6.16
C LYS A 188 34.83 -3.26 -5.67
N ALA A 189 35.57 -2.34 -5.06
CA ALA A 189 36.89 -2.61 -4.46
C ALA A 189 36.85 -3.72 -3.40
N ASP A 190 35.93 -3.60 -2.44
CA ASP A 190 35.73 -4.62 -1.39
C ASP A 190 35.16 -5.93 -1.93
N TYR A 191 34.20 -5.84 -2.84
CA TYR A 191 33.60 -7.01 -3.50
C TYR A 191 34.63 -7.90 -4.21
N GLU A 192 35.59 -7.28 -4.90
CA GLU A 192 36.65 -8.01 -5.62
C GLU A 192 37.66 -8.74 -4.71
N LYS A 193 37.79 -8.34 -3.44
CA LYS A 193 38.70 -9.00 -2.47
C LYS A 193 38.31 -10.45 -2.08
N HIS A 194 37.03 -10.79 -2.12
CA HIS A 194 36.50 -12.07 -1.59
C HIS A 194 35.84 -12.90 -2.70
N LYS A 195 35.87 -14.23 -2.53
CA LYS A 195 35.34 -15.19 -3.53
C LYS A 195 33.88 -15.59 -3.28
N VAL A 196 33.64 -16.29 -2.17
CA VAL A 196 32.33 -16.94 -1.90
C VAL A 196 31.36 -15.91 -1.31
N TYR A 197 30.15 -15.84 -1.88
CA TYR A 197 29.06 -14.96 -1.42
C TYR A 197 27.81 -15.82 -1.17
N ALA A 198 27.48 -16.01 0.11
CA ALA A 198 26.46 -16.95 0.56
C ALA A 198 25.36 -16.23 1.36
N CYS A 199 24.14 -16.75 1.25
CA CYS A 199 22.95 -16.27 1.97
C CYS A 199 22.35 -17.45 2.74
N GLU A 200 22.60 -17.47 4.05
CA GLU A 200 22.07 -18.52 4.95
C GLU A 200 20.71 -18.09 5.52
N VAL A 201 19.67 -18.88 5.22
CA VAL A 201 18.28 -18.59 5.61
C VAL A 201 17.81 -19.60 6.66
N THR A 202 17.22 -19.08 7.74
CA THR A 202 16.54 -19.87 8.78
C THR A 202 15.04 -19.61 8.69
N HIS A 203 14.25 -20.67 8.93
CA HIS A 203 12.77 -20.61 8.91
C HIS A 203 12.13 -21.83 9.59
N GLN A 204 10.89 -21.65 10.06
CA GLN A 204 10.10 -22.70 10.73
C GLN A 204 9.87 -23.94 9.83
N GLY A 205 9.43 -23.71 8.60
CA GLY A 205 9.34 -24.75 7.56
C GLY A 205 10.58 -25.56 7.22
N LEU A 206 11.76 -24.96 7.40
CA LEU A 206 13.05 -25.62 7.18
C LEU A 206 13.54 -26.30 8.47
N SER A 207 14.05 -27.53 8.35
CA SER A 207 14.60 -28.26 9.51
C SER A 207 16.00 -27.77 9.91
N SER A 208 16.83 -27.41 8.93
CA SER A 208 18.15 -26.81 9.12
C SER A 208 18.27 -25.46 8.37
N PRO A 209 19.36 -24.69 8.61
CA PRO A 209 19.62 -23.51 7.77
C PRO A 209 19.97 -23.86 6.32
N VAL A 210 19.26 -23.26 5.37
CA VAL A 210 19.49 -23.43 3.94
C VAL A 210 20.39 -22.29 3.46
N THR A 211 21.53 -22.64 2.86
CA THR A 211 22.50 -21.70 2.30
C THR A 211 22.43 -21.75 0.77
N LYS A 212 22.10 -20.61 0.16
CA LYS A 212 22.23 -20.39 -1.30
C LYS A 212 23.46 -19.49 -1.51
N SER A 213 24.42 -19.96 -2.34
CA SER A 213 25.71 -19.26 -2.52
C SER A 213 26.29 -19.35 -3.94
N PHE A 214 27.31 -18.51 -4.19
CA PHE A 214 28.06 -18.49 -5.46
C PHE A 214 29.49 -17.99 -5.33
N ASN A 215 30.32 -18.35 -6.31
CA ASN A 215 31.70 -17.87 -6.46
C ASN A 215 31.74 -16.69 -7.44
N ARG A 216 32.46 -15.63 -7.07
CA ARG A 216 32.66 -14.46 -7.93
C ARG A 216 33.57 -14.82 -9.12
N GLN B 1 -19.19 3.76 -15.42
CA GLN B 1 -17.82 3.76 -14.80
C GLN B 1 -17.63 4.92 -13.81
N VAL B 2 -18.10 4.72 -12.58
CA VAL B 2 -17.91 5.68 -11.49
C VAL B 2 -16.43 5.72 -11.09
N GLN B 3 -15.74 6.81 -11.47
CA GLN B 3 -14.27 6.92 -11.37
C GLN B 3 -13.80 8.32 -10.94
N LEU B 4 -13.15 8.38 -9.77
CA LEU B 4 -12.39 9.55 -9.31
C LEU B 4 -10.93 9.25 -9.58
N VAL B 5 -10.22 10.21 -10.18
CA VAL B 5 -8.81 10.05 -10.61
C VAL B 5 -8.05 11.29 -10.13
N GLU B 6 -7.13 11.07 -9.17
CA GLU B 6 -6.29 12.14 -8.63
C GLU B 6 -5.01 12.32 -9.44
N SER B 7 -4.31 13.43 -9.18
CA SER B 7 -3.00 13.71 -9.81
C SER B 7 -1.92 12.76 -9.27
N GLY B 8 -0.83 12.61 -10.02
CA GLY B 8 0.30 11.75 -9.62
C GLY B 8 1.07 12.26 -8.41
N PRO B 9 2.11 11.52 -7.97
CA PRO B 9 2.88 11.93 -6.79
C PRO B 9 3.64 13.26 -6.96
N GLU B 10 3.60 14.09 -5.92
CA GLU B 10 4.15 15.46 -5.92
C GLU B 10 5.24 15.58 -4.86
N MET B 11 6.30 16.32 -5.21
CA MET B 11 7.45 16.59 -4.36
C MET B 11 7.58 18.10 -4.18
N ARG B 12 7.76 18.54 -2.93
CA ARG B 12 7.95 19.96 -2.60
C ARG B 12 8.98 20.17 -1.48
N LYS B 13 9.36 21.44 -1.29
CA LYS B 13 10.19 21.90 -0.17
C LYS B 13 9.29 22.55 0.90
N PRO B 14 9.76 22.61 2.18
CA PRO B 14 8.95 23.27 3.21
C PRO B 14 8.82 24.77 2.95
N GLY B 15 7.60 25.27 3.06
CA GLY B 15 7.25 26.64 2.70
C GLY B 15 6.49 26.79 1.40
N GLU B 16 6.71 25.88 0.44
CA GLU B 16 6.17 26.02 -0.92
C GLU B 16 4.67 25.74 -0.98
N SER B 17 4.06 26.27 -2.05
CA SER B 17 2.64 26.09 -2.33
C SER B 17 2.40 24.78 -3.08
N LEU B 18 1.22 24.21 -2.89
CA LEU B 18 0.78 23.02 -3.65
C LEU B 18 -0.73 22.89 -3.67
N LYS B 19 -1.28 22.53 -4.83
CA LYS B 19 -2.66 22.11 -5.00
C LYS B 19 -2.67 20.78 -5.77
N ILE B 20 -3.28 19.76 -5.17
CA ILE B 20 -3.55 18.46 -5.85
C ILE B 20 -5.00 18.44 -6.35
N SER B 21 -5.25 17.68 -7.42
CA SER B 21 -6.56 17.59 -8.05
C SER B 21 -7.21 16.22 -7.81
N CYS B 22 -8.52 16.17 -8.06
CA CYS B 22 -9.33 14.95 -7.98
C CYS B 22 -10.39 15.01 -9.09
N LYS B 23 -10.04 14.47 -10.27
CA LYS B 23 -10.89 14.49 -11.46
C LYS B 23 -12.05 13.47 -11.37
N THR B 24 -13.28 13.97 -11.20
CA THR B 24 -14.48 13.14 -11.07
C THR B 24 -15.20 13.01 -12.41
N SER B 25 -15.33 11.78 -12.92
CA SER B 25 -16.05 11.49 -14.18
C SER B 25 -16.95 10.26 -14.05
N GLY B 26 -17.83 10.10 -15.04
CA GLY B 26 -18.78 9.00 -15.11
C GLY B 26 -20.05 9.08 -14.25
N TYR B 27 -20.30 10.24 -13.64
CA TYR B 27 -21.55 10.51 -12.91
C TYR B 27 -21.81 12.02 -12.79
N ILE B 28 -23.01 12.38 -12.34
CA ILE B 28 -23.42 13.79 -12.20
C ILE B 28 -22.72 14.38 -10.97
N PHE B 29 -21.92 15.42 -11.18
CA PHE B 29 -21.07 16.02 -10.14
C PHE B 29 -21.90 16.76 -9.06
N SER B 30 -22.99 17.40 -9.47
CA SER B 30 -23.94 18.04 -8.55
C SER B 30 -24.69 17.09 -7.59
N ASP B 31 -24.81 15.80 -7.95
CA ASP B 31 -25.45 14.78 -7.07
C ASP B 31 -24.66 14.42 -5.79
N TYR B 32 -23.34 14.70 -5.75
CA TYR B 32 -22.46 14.30 -4.65
C TYR B 32 -21.61 15.45 -4.12
N TRP B 33 -21.03 15.23 -2.93
CA TRP B 33 -19.90 16.00 -2.42
C TRP B 33 -18.62 15.32 -2.91
N THR B 34 -17.47 15.91 -2.57
CA THR B 34 -16.16 15.27 -2.73
C THR B 34 -15.38 15.47 -1.44
N ALA B 35 -15.14 14.35 -0.72
CA ALA B 35 -14.39 14.34 0.54
C ALA B 35 -12.89 14.19 0.28
N TRP B 36 -12.11 14.49 1.32
CA TRP B 36 -10.65 14.29 1.35
C TRP B 36 -10.27 13.51 2.59
N VAL B 37 -9.41 12.50 2.42
CA VAL B 37 -9.05 11.53 3.48
C VAL B 37 -7.54 11.30 3.46
N ARG B 38 -6.87 11.69 4.55
CA ARG B 38 -5.44 11.46 4.72
C ARG B 38 -5.22 10.03 5.21
N GLN B 39 -4.31 9.30 4.55
CA GLN B 39 -3.89 7.97 4.99
C GLN B 39 -2.75 8.14 5.99
N LEU B 40 -2.99 7.73 7.23
CA LEU B 40 -1.97 7.78 8.29
C LEU B 40 -0.93 6.66 8.08
N PRO B 41 0.37 6.94 8.39
CA PRO B 41 1.40 5.88 8.25
C PRO B 41 1.19 4.70 9.19
N GLY B 42 1.44 3.50 8.70
CA GLY B 42 1.18 2.25 9.42
C GLY B 42 -0.27 1.83 9.35
N LYS B 43 -1.11 2.57 10.07
CA LYS B 43 -2.55 2.30 10.16
C LYS B 43 -3.28 3.59 10.56
N GLY B 44 -4.48 3.79 10.00
CA GLY B 44 -5.35 4.95 10.31
C GLY B 44 -5.90 5.64 9.08
N LEU B 45 -6.99 6.38 9.28
CA LEU B 45 -7.59 7.28 8.28
C LEU B 45 -8.17 8.52 8.99
N GLN B 46 -7.62 9.70 8.69
CA GLN B 46 -8.14 10.98 9.17
C GLN B 46 -9.06 11.54 8.09
N TRP B 47 -10.34 11.70 8.43
CA TRP B 47 -11.30 12.40 7.58
C TRP B 47 -11.01 13.90 7.69
N MET B 48 -10.48 14.49 6.61
CA MET B 48 -10.06 15.90 6.60
C MET B 48 -11.26 16.84 6.48
N GLY B 49 -12.09 16.60 5.48
CA GLY B 49 -13.33 17.36 5.29
C GLY B 49 -14.11 17.00 4.05
N ILE B 50 -15.02 17.91 3.66
CA ILE B 50 -15.86 17.78 2.46
C ILE B 50 -16.15 19.15 1.82
N ILE B 51 -16.51 19.12 0.54
CA ILE B 51 -16.85 20.33 -0.24
C ILE B 51 -17.88 20.01 -1.35
N TYR B 52 -18.90 20.88 -1.49
CA TYR B 52 -19.98 20.75 -2.47
C TYR B 52 -19.86 21.86 -3.54
N SER B 53 -20.06 21.49 -4.80
CA SER B 53 -19.70 22.34 -5.94
C SER B 53 -20.64 23.52 -6.19
N GLY B 54 -21.94 23.25 -6.20
CA GLY B 54 -22.97 24.27 -6.45
C GLY B 54 -23.10 25.34 -5.37
N ASP B 55 -22.97 24.92 -4.10
CA ASP B 55 -23.12 25.79 -2.93
C ASP B 55 -21.80 26.38 -2.39
N SER B 56 -20.66 25.69 -2.61
CA SER B 56 -19.34 26.04 -2.04
C SER B 56 -19.33 26.01 -0.49
N ASP B 57 -19.93 24.95 0.06
CA ASP B 57 -20.10 24.74 1.50
C ASP B 57 -18.97 23.83 2.00
N THR B 58 -18.07 24.39 2.83
CA THR B 58 -16.92 23.67 3.37
C THR B 58 -17.14 23.29 4.84
N ARG B 59 -16.83 22.03 5.17
CA ARG B 59 -16.84 21.50 6.54
C ARG B 59 -15.54 20.74 6.75
N TYR B 60 -14.75 21.14 7.75
CA TYR B 60 -13.40 20.61 8.00
C TYR B 60 -13.29 19.89 9.36
N HIS B 61 -12.22 19.12 9.51
CA HIS B 61 -11.78 18.55 10.79
C HIS B 61 -11.14 19.73 11.58
N PRO B 62 -11.54 19.95 12.86
CA PRO B 62 -11.10 21.17 13.60
C PRO B 62 -9.57 21.34 13.76
N SER B 63 -8.83 20.23 13.80
CA SER B 63 -7.36 20.24 13.74
C SER B 63 -6.80 20.76 12.41
N VAL B 64 -7.25 20.20 11.28
CA VAL B 64 -6.76 20.63 9.92
C VAL B 64 -7.39 21.92 9.35
N GLN B 65 -8.46 22.43 9.98
CA GLN B 65 -9.16 23.65 9.52
C GLN B 65 -8.28 24.89 9.69
N GLY B 66 -8.10 25.66 8.61
CA GLY B 66 -7.21 26.81 8.57
C GLY B 66 -5.85 26.50 7.95
N HIS B 67 -5.29 25.35 8.31
CA HIS B 67 -4.03 24.85 7.72
C HIS B 67 -4.13 24.48 6.22
N VAL B 68 -5.24 23.84 5.84
CA VAL B 68 -5.53 23.48 4.42
C VAL B 68 -6.82 24.16 3.93
N THR B 69 -6.99 24.13 2.60
CA THR B 69 -8.16 24.74 1.93
C THR B 69 -8.69 23.80 0.83
N MET B 70 -10.02 23.76 0.69
CA MET B 70 -10.70 23.02 -0.39
C MET B 70 -11.27 23.98 -1.44
N SER B 71 -11.39 23.47 -2.66
CA SER B 71 -12.01 24.20 -3.78
C SER B 71 -12.41 23.24 -4.90
N THR B 72 -13.40 23.66 -5.68
CA THR B 72 -13.98 22.85 -6.77
C THR B 72 -14.21 23.72 -8.01
N ASP B 73 -13.85 23.20 -9.18
CA ASP B 73 -14.14 23.83 -10.48
C ASP B 73 -15.18 22.96 -11.20
N SER B 74 -16.42 23.46 -11.24
CA SER B 74 -17.56 22.72 -11.78
C SER B 74 -17.49 22.41 -13.29
N SER B 75 -16.80 23.25 -14.05
CA SER B 75 -16.63 23.06 -15.51
C SER B 75 -15.79 21.82 -15.85
N LEU B 76 -14.65 21.66 -15.17
CA LEU B 76 -13.78 20.49 -15.33
C LEU B 76 -14.29 19.20 -14.64
N THR B 77 -15.21 19.33 -13.67
CA THR B 77 -15.71 18.22 -12.83
C THR B 77 -14.57 17.71 -11.96
N THR B 78 -14.00 18.63 -11.18
CA THR B 78 -12.77 18.42 -10.40
C THR B 78 -12.89 19.06 -9.01
N ALA B 79 -12.33 18.38 -8.01
CA ALA B 79 -12.14 18.90 -6.66
C ALA B 79 -10.64 19.03 -6.37
N TYR B 80 -10.31 19.94 -5.45
CA TYR B 80 -8.92 20.29 -5.12
C TYR B 80 -8.66 20.32 -3.61
N LEU B 81 -7.36 20.37 -3.26
CA LEU B 81 -6.89 20.48 -1.88
C LEU B 81 -5.59 21.29 -1.85
N GLN B 82 -5.70 22.57 -1.46
CA GLN B 82 -4.57 23.52 -1.50
C GLN B 82 -3.76 23.53 -0.21
N TRP B 83 -2.47 23.89 -0.33
CA TRP B 83 -1.59 24.20 0.81
C TRP B 83 -0.91 25.54 0.53
N SER B 84 -1.16 26.53 1.38
CA SER B 84 -0.56 27.87 1.26
C SER B 84 0.94 27.88 1.58
N SER B 85 1.31 27.18 2.66
CA SER B 85 2.71 27.03 3.09
C SER B 85 2.94 25.65 3.73
N LEU B 86 3.59 24.75 2.98
CA LEU B 86 3.76 23.33 3.38
C LEU B 86 4.77 23.15 4.51
N LYS B 87 4.45 22.29 5.47
CA LYS B 87 5.38 21.80 6.49
C LYS B 87 5.93 20.45 6.06
N ALA B 88 7.10 20.08 6.60
CA ALA B 88 7.66 18.72 6.44
C ALA B 88 6.69 17.62 6.95
N SER B 89 5.98 17.92 8.04
CA SER B 89 4.95 17.05 8.62
C SER B 89 3.71 16.74 7.73
N ASP B 90 3.42 17.59 6.74
CA ASP B 90 2.34 17.34 5.75
C ASP B 90 2.48 16.09 4.86
N THR B 91 3.70 15.55 4.74
CA THR B 91 3.99 14.35 3.92
C THR B 91 3.05 13.15 4.22
N GLY B 92 2.43 12.63 3.16
CA GLY B 92 1.55 11.45 3.26
C GLY B 92 0.73 11.17 2.01
N ILE B 93 0.09 10.01 2.00
CA ILE B 93 -0.89 9.63 0.97
C ILE B 93 -2.20 10.36 1.30
N TYR B 94 -2.81 10.97 0.28
CA TYR B 94 -4.06 11.75 0.39
C TYR B 94 -5.09 11.22 -0.61
N TYR B 95 -6.16 10.58 -0.11
CA TYR B 95 -7.29 10.11 -0.94
C TYR B 95 -8.40 11.15 -1.09
N CYS B 96 -9.15 11.03 -2.19
CA CYS B 96 -10.45 11.70 -2.37
C CYS B 96 -11.56 10.67 -2.64
N ALA B 97 -12.80 11.05 -2.36
CA ALA B 97 -13.95 10.15 -2.51
C ALA B 97 -15.28 10.90 -2.49
N ARG B 98 -16.31 10.32 -3.13
CA ARG B 98 -17.65 10.94 -3.26
C ARG B 98 -18.57 10.61 -2.07
N LEU B 99 -19.40 11.58 -1.65
CA LEU B 99 -20.38 11.45 -0.56
C LEU B 99 -21.76 11.83 -1.13
N ASP B 100 -22.76 10.97 -0.95
CA ASP B 100 -24.06 11.10 -1.66
C ASP B 100 -24.97 12.18 -1.06
N ALA B 101 -25.27 13.22 -1.85
CA ALA B 101 -26.02 14.42 -1.40
C ALA B 101 -27.55 14.41 -1.62
N ARG B 102 -28.12 13.29 -2.08
CA ARG B 102 -29.59 13.18 -2.31
C ARG B 102 -30.39 13.12 -1.00
N VAL B 103 -31.70 13.30 -1.11
CA VAL B 103 -32.61 13.38 0.05
C VAL B 103 -32.78 12.01 0.74
N ASP B 104 -32.54 11.97 2.05
CA ASP B 104 -32.68 10.77 2.89
C ASP B 104 -31.79 9.57 2.47
N ALA B 105 -30.56 9.87 2.04
CA ALA B 105 -29.58 8.88 1.57
C ALA B 105 -28.29 8.99 2.38
N GLY B 106 -27.57 7.88 2.50
CA GLY B 106 -26.43 7.76 3.41
C GLY B 106 -25.18 8.47 2.90
N TRP B 107 -24.51 9.16 3.81
CA TRP B 107 -23.32 9.98 3.52
C TRP B 107 -22.08 9.10 3.78
N GLN B 108 -21.88 8.12 2.90
CA GLN B 108 -20.78 7.16 2.96
C GLN B 108 -19.96 7.20 1.67
N LEU B 109 -18.69 6.81 1.77
CA LEU B 109 -17.74 6.93 0.67
C LEU B 109 -17.71 5.64 -0.18
N ASP B 110 -18.59 5.58 -1.18
CA ASP B 110 -18.75 4.38 -2.03
C ASP B 110 -17.69 4.22 -3.15
N SER B 111 -17.15 5.33 -3.65
CA SER B 111 -16.12 5.34 -4.72
C SER B 111 -14.98 6.32 -4.37
N TRP B 112 -13.73 5.85 -4.54
CA TRP B 112 -12.52 6.53 -4.06
C TRP B 112 -11.50 6.74 -5.18
N GLY B 113 -10.64 7.75 -4.99
CA GLY B 113 -9.48 8.00 -5.86
C GLY B 113 -8.35 7.02 -5.59
N GLN B 114 -7.41 6.91 -6.52
CA GLN B 114 -6.24 6.00 -6.36
C GLN B 114 -5.27 6.40 -5.23
N GLY B 115 -5.19 7.69 -4.92
CA GLY B 115 -4.31 8.24 -3.89
C GLY B 115 -3.12 8.95 -4.52
N THR B 116 -2.61 9.94 -3.79
CA THR B 116 -1.46 10.75 -4.22
C THR B 116 -0.51 10.94 -3.04
N LEU B 117 0.76 10.51 -3.20
CA LEU B 117 1.80 10.71 -2.19
C LEU B 117 2.45 12.08 -2.35
N VAL B 118 1.96 13.04 -1.56
CA VAL B 118 2.58 14.36 -1.42
C VAL B 118 3.75 14.21 -0.46
N THR B 119 4.90 14.78 -0.82
CA THR B 119 6.14 14.68 -0.03
C THR B 119 6.80 16.06 0.09
N VAL B 120 7.02 16.50 1.34
CA VAL B 120 7.62 17.80 1.66
C VAL B 120 8.98 17.56 2.31
N SER B 121 10.06 17.98 1.62
CA SER B 121 11.43 17.80 2.11
C SER B 121 12.40 18.78 1.45
N SER B 122 13.35 19.29 2.24
CA SER B 122 14.46 20.10 1.72
C SER B 122 15.51 19.28 0.92
N ALA B 123 15.52 17.95 1.10
CA ALA B 123 16.40 17.03 0.35
C ALA B 123 16.15 17.06 -1.15
N SER B 124 17.22 16.84 -1.91
CA SER B 124 17.18 16.90 -3.38
C SER B 124 16.52 15.65 -3.94
N THR B 125 15.73 15.82 -4.99
CA THR B 125 15.21 14.72 -5.79
C THR B 125 16.39 14.01 -6.47
N LYS B 126 16.34 12.67 -6.49
CA LYS B 126 17.30 11.84 -7.22
C LYS B 126 16.55 10.69 -7.90
N GLY B 127 16.82 10.50 -9.19
CA GLY B 127 16.28 9.36 -9.94
C GLY B 127 17.04 8.08 -9.59
N PRO B 128 16.37 6.90 -9.72
CA PRO B 128 17.05 5.65 -9.45
C PRO B 128 17.99 5.21 -10.56
N SER B 129 18.82 4.21 -10.23
CA SER B 129 19.51 3.39 -11.22
C SER B 129 18.85 2.00 -11.20
N VAL B 130 18.50 1.50 -12.39
CA VAL B 130 17.77 0.24 -12.56
C VAL B 130 18.76 -0.82 -13.05
N PHE B 131 19.09 -1.76 -12.18
CA PHE B 131 20.05 -2.85 -12.47
C PHE B 131 19.29 -4.18 -12.65
N PRO B 132 19.65 -5.00 -13.68
CA PRO B 132 18.96 -6.28 -13.87
C PRO B 132 19.37 -7.35 -12.85
N LEU B 133 18.37 -7.93 -12.17
CA LEU B 133 18.53 -9.19 -11.44
C LEU B 133 18.27 -10.33 -12.44
N ALA B 134 19.34 -10.74 -13.12
CA ALA B 134 19.27 -11.71 -14.22
C ALA B 134 19.01 -13.14 -13.72
N PRO B 135 18.20 -13.94 -14.46
CA PRO B 135 18.03 -15.34 -14.11
C PRO B 135 19.26 -16.16 -14.49
N SER B 136 19.84 -16.83 -13.49
CA SER B 136 20.95 -17.78 -13.66
C SER B 136 20.55 -19.12 -13.02
N SER B 137 21.50 -20.06 -12.94
CA SER B 137 21.31 -21.31 -12.19
C SER B 137 21.12 -21.13 -10.67
N LYS B 138 21.70 -20.06 -10.09
CA LYS B 138 21.48 -19.69 -8.67
C LYS B 138 20.15 -18.94 -8.39
N SER B 139 19.31 -18.74 -9.41
CA SER B 139 17.90 -18.34 -9.24
C SER B 139 16.87 -19.24 -9.97
N THR B 140 17.31 -20.39 -10.51
CA THR B 140 16.47 -21.33 -11.26
C THR B 140 16.48 -22.67 -10.54
N SER B 141 15.30 -23.15 -10.15
CA SER B 141 15.11 -24.50 -9.58
C SER B 141 13.65 -24.96 -9.71
N GLY B 142 13.46 -26.28 -9.87
CA GLY B 142 12.13 -26.89 -9.95
C GLY B 142 11.28 -26.49 -11.15
N GLY B 143 11.93 -26.20 -12.28
CA GLY B 143 11.27 -25.68 -13.49
C GLY B 143 10.79 -24.23 -13.39
N THR B 144 11.32 -23.49 -12.40
CA THR B 144 10.85 -22.17 -12.04
C THR B 144 12.10 -21.29 -11.96
N ALA B 145 12.16 -20.27 -12.80
CA ALA B 145 13.24 -19.28 -12.83
C ALA B 145 12.78 -17.99 -12.17
N ALA B 146 13.62 -17.46 -11.27
CA ALA B 146 13.40 -16.17 -10.64
C ALA B 146 14.27 -15.11 -11.32
N LEU B 147 13.65 -13.96 -11.62
CA LEU B 147 14.34 -12.79 -12.19
C LEU B 147 13.72 -11.51 -11.66
N GLY B 148 14.40 -10.39 -11.86
CA GLY B 148 13.93 -9.10 -11.38
C GLY B 148 14.73 -7.87 -11.79
N CYS B 149 14.39 -6.75 -11.16
CA CYS B 149 15.11 -5.48 -11.30
C CYS B 149 15.39 -4.87 -9.94
N LEU B 150 16.61 -4.31 -9.78
CA LEU B 150 17.03 -3.59 -8.58
C LEU B 150 16.99 -2.10 -8.86
N VAL B 151 16.06 -1.40 -8.22
CA VAL B 151 15.87 0.05 -8.36
C VAL B 151 16.54 0.73 -7.16
N LYS B 152 17.81 1.09 -7.33
CA LYS B 152 18.67 1.58 -6.24
C LYS B 152 18.85 3.11 -6.27
N ASP B 153 18.99 3.70 -5.08
CA ASP B 153 19.35 5.13 -4.88
C ASP B 153 18.38 6.16 -5.49
N TYR B 154 17.22 6.34 -4.84
CA TYR B 154 16.25 7.36 -5.27
C TYR B 154 15.59 8.12 -4.10
N PHE B 155 15.08 9.30 -4.42
CA PHE B 155 14.27 10.10 -3.48
C PHE B 155 13.30 11.04 -4.25
N PRO B 156 12.05 11.23 -3.81
CA PRO B 156 11.37 10.52 -2.72
C PRO B 156 10.68 9.24 -3.21
N GLU B 157 9.85 8.64 -2.36
CA GLU B 157 8.85 7.68 -2.81
C GLU B 157 7.74 8.44 -3.60
N PRO B 158 7.03 7.80 -4.53
CA PRO B 158 7.13 6.37 -4.88
C PRO B 158 7.89 6.12 -6.18
N VAL B 159 8.53 4.94 -6.26
CA VAL B 159 8.77 4.26 -7.53
C VAL B 159 7.61 3.28 -7.71
N THR B 160 6.99 3.32 -8.88
CA THR B 160 6.06 2.27 -9.36
C THR B 160 6.77 1.40 -10.41
N VAL B 161 6.59 0.08 -10.32
CA VAL B 161 7.22 -0.91 -11.20
C VAL B 161 6.14 -1.87 -11.71
N SER B 162 5.92 -1.86 -13.03
CA SER B 162 5.15 -2.91 -13.72
C SER B 162 6.11 -3.81 -14.48
N TRP B 163 5.57 -4.88 -15.07
CA TRP B 163 6.33 -5.86 -15.87
C TRP B 163 5.64 -6.14 -17.20
N ASN B 164 6.38 -6.01 -18.31
CA ASN B 164 5.85 -6.15 -19.68
C ASN B 164 4.63 -5.24 -19.95
N SER B 165 4.78 -3.97 -19.55
CA SER B 165 3.75 -2.92 -19.65
C SER B 165 2.42 -3.22 -18.91
N GLY B 166 2.52 -4.00 -17.81
CA GLY B 166 1.34 -4.48 -17.06
C GLY B 166 0.74 -5.83 -17.46
N ALA B 167 1.26 -6.44 -18.53
CA ALA B 167 0.79 -7.75 -19.01
C ALA B 167 1.20 -8.91 -18.09
N LEU B 168 2.46 -8.88 -17.61
CA LEU B 168 2.97 -9.85 -16.64
C LEU B 168 2.67 -9.31 -15.26
N THR B 169 1.91 -10.08 -14.48
CA THR B 169 1.38 -9.64 -13.19
C THR B 169 1.32 -10.73 -12.09
N SER B 170 0.88 -11.95 -12.44
CA SER B 170 0.90 -13.10 -11.52
C SER B 170 2.33 -13.54 -11.23
N GLY B 171 2.64 -13.73 -9.94
CA GLY B 171 3.97 -14.14 -9.48
C GLY B 171 4.98 -13.03 -9.21
N VAL B 172 4.56 -11.77 -9.32
CA VAL B 172 5.44 -10.59 -9.12
C VAL B 172 5.48 -10.25 -7.62
N HIS B 173 6.67 -9.83 -7.16
CA HIS B 173 6.88 -9.35 -5.79
C HIS B 173 7.67 -8.03 -5.80
N THR B 174 6.95 -6.92 -5.91
CA THR B 174 7.53 -5.58 -5.74
C THR B 174 7.60 -5.36 -4.22
N PHE B 175 8.82 -5.35 -3.67
CA PHE B 175 9.03 -5.20 -2.22
C PHE B 175 8.85 -3.76 -1.78
N PRO B 176 8.60 -3.53 -0.47
CA PRO B 176 8.70 -2.16 0.05
C PRO B 176 10.11 -1.58 -0.04
N ALA B 177 10.19 -0.26 -0.13
CA ALA B 177 11.46 0.44 -0.22
C ALA B 177 12.16 0.40 1.14
N VAL B 178 13.46 0.09 1.12
CA VAL B 178 14.33 0.26 2.30
C VAL B 178 14.95 1.67 2.27
N LEU B 179 15.09 2.29 3.45
CA LEU B 179 15.77 3.59 3.59
C LEU B 179 17.25 3.34 3.88
N GLN B 180 18.12 3.81 2.99
CA GLN B 180 19.58 3.66 3.16
C GLN B 180 20.10 4.72 4.12
N SER B 181 21.31 4.50 4.64
CA SER B 181 22.01 5.48 5.51
C SER B 181 22.26 6.85 4.85
N SER B 182 22.42 6.85 3.52
CA SER B 182 22.53 8.09 2.72
C SER B 182 21.27 8.98 2.65
N GLY B 183 20.11 8.46 3.07
CA GLY B 183 18.81 9.15 2.93
C GLY B 183 17.98 8.68 1.75
N LEU B 184 18.64 8.08 0.75
CA LEU B 184 18.01 7.63 -0.50
C LEU B 184 17.35 6.28 -0.29
N TYR B 185 16.22 6.06 -0.97
CA TYR B 185 15.52 4.76 -0.96
C TYR B 185 16.15 3.77 -1.95
N SER B 186 16.02 2.49 -1.61
CA SER B 186 16.34 1.37 -2.51
C SER B 186 15.20 0.36 -2.47
N LEU B 187 15.04 -0.38 -3.57
CA LEU B 187 13.87 -1.23 -3.79
C LEU B 187 14.17 -2.29 -4.86
N SER B 188 13.63 -3.49 -4.68
CA SER B 188 13.69 -4.56 -5.70
C SER B 188 12.29 -5.02 -6.07
N SER B 189 12.12 -5.38 -7.34
CA SER B 189 10.93 -6.05 -7.85
C SER B 189 11.39 -7.29 -8.61
N VAL B 190 10.78 -8.43 -8.28
CA VAL B 190 11.15 -9.73 -8.86
C VAL B 190 9.91 -10.43 -9.38
N VAL B 191 10.14 -11.53 -10.09
CA VAL B 191 9.06 -12.38 -10.63
C VAL B 191 9.58 -13.81 -10.87
N THR B 192 8.75 -14.80 -10.55
CA THR B 192 9.01 -16.21 -10.90
C THR B 192 8.29 -16.55 -12.21
N VAL B 193 9.00 -17.26 -13.09
CA VAL B 193 8.52 -17.63 -14.43
C VAL B 193 8.98 -19.07 -14.78
N PRO B 194 8.46 -19.67 -15.87
CA PRO B 194 9.02 -20.94 -16.34
C PRO B 194 10.44 -20.80 -16.91
N SER B 195 11.34 -21.68 -16.48
CA SER B 195 12.71 -21.73 -17.00
C SER B 195 12.81 -22.23 -18.45
N SER B 196 11.82 -23.01 -18.90
CA SER B 196 11.71 -23.47 -20.29
C SER B 196 11.55 -22.30 -21.28
N SER B 197 10.62 -21.40 -20.96
CA SER B 197 10.26 -20.26 -21.82
C SER B 197 11.17 -19.02 -21.75
N LEU B 198 12.19 -19.00 -20.88
CA LEU B 198 13.19 -17.88 -20.85
C LEU B 198 13.85 -17.53 -22.19
N GLY B 199 13.96 -18.52 -23.09
CA GLY B 199 14.41 -18.34 -24.47
C GLY B 199 13.42 -17.72 -25.45
N THR B 200 12.10 -17.97 -25.28
CA THR B 200 11.03 -17.43 -26.14
C THR B 200 10.21 -16.23 -25.59
N GLN B 201 10.49 -15.80 -24.34
CA GLN B 201 9.76 -14.69 -23.68
C GLN B 201 10.73 -13.60 -23.25
N THR B 202 10.34 -12.33 -23.47
CA THR B 202 11.13 -11.19 -23.03
C THR B 202 10.45 -10.55 -21.81
N TYR B 203 11.22 -10.40 -20.74
CA TYR B 203 10.77 -9.83 -19.48
C TYR B 203 11.43 -8.46 -19.31
N ILE B 204 10.59 -7.42 -19.20
CA ILE B 204 11.03 -6.02 -19.06
C ILE B 204 10.29 -5.40 -17.86
N CYS B 205 11.04 -4.96 -16.84
CA CYS B 205 10.48 -4.11 -15.79
C CYS B 205 10.36 -2.66 -16.30
N ASN B 206 9.26 -2.01 -15.93
CA ASN B 206 8.96 -0.64 -16.32
C ASN B 206 9.04 0.22 -15.06
N VAL B 207 10.27 0.62 -14.73
CA VAL B 207 10.55 1.43 -13.54
C VAL B 207 10.15 2.87 -13.87
N ASN B 208 9.38 3.48 -12.97
CA ASN B 208 8.72 4.76 -13.22
C ASN B 208 8.74 5.60 -11.93
N HIS B 209 9.59 6.63 -11.89
CA HIS B 209 9.76 7.51 -10.74
C HIS B 209 9.44 8.95 -11.18
N LYS B 210 8.16 9.32 -11.01
CA LYS B 210 7.59 10.60 -11.49
C LYS B 210 8.28 11.90 -10.98
N PRO B 211 8.76 11.93 -9.71
CA PRO B 211 9.47 13.12 -9.21
C PRO B 211 10.75 13.57 -9.96
N SER B 212 11.53 12.62 -10.48
CA SER B 212 12.74 12.91 -11.30
C SER B 212 12.53 12.84 -12.82
N ASN B 213 11.28 12.61 -13.27
CA ASN B 213 10.91 12.40 -14.68
C ASN B 213 11.65 11.21 -15.32
N THR B 214 11.63 10.10 -14.60
CA THR B 214 12.38 8.88 -14.91
C THR B 214 11.41 7.76 -15.29
N LYS B 215 11.26 7.50 -16.59
CA LYS B 215 10.70 6.25 -17.12
C LYS B 215 11.87 5.43 -17.63
N VAL B 216 11.98 4.18 -17.17
CA VAL B 216 13.04 3.25 -17.60
C VAL B 216 12.40 1.91 -17.90
N ASP B 217 12.64 1.38 -19.11
CA ASP B 217 12.25 0.04 -19.52
C ASP B 217 13.51 -0.82 -19.64
N LYS B 218 13.72 -1.70 -18.65
CA LYS B 218 14.96 -2.51 -18.53
C LYS B 218 14.71 -4.00 -18.83
N ARG B 219 15.21 -4.47 -19.97
CA ARG B 219 15.13 -5.90 -20.35
C ARG B 219 16.08 -6.74 -19.48
N VAL B 220 15.52 -7.80 -18.88
CA VAL B 220 16.24 -8.71 -17.97
C VAL B 220 16.58 -9.99 -18.76
N GLU B 221 17.73 -9.96 -19.44
CA GLU B 221 18.27 -11.14 -20.14
C GLU B 221 18.81 -12.18 -19.13
N PRO B 222 18.72 -13.49 -19.44
CA PRO B 222 19.45 -14.51 -18.66
C PRO B 222 20.98 -14.43 -18.75
N LYS B 223 21.66 -14.98 -17.74
CA LYS B 223 23.13 -15.08 -17.69
C LYS B 223 23.54 -16.50 -17.28
N ILE C 1 -23.23 14.85 24.66
CA ILE C 1 -24.20 14.04 23.83
C ILE C 1 -24.98 14.96 22.86
N VAL C 2 -25.27 14.45 21.67
CA VAL C 2 -25.91 15.18 20.56
C VAL C 2 -26.94 14.24 19.90
N TYR C 3 -28.16 14.74 19.69
CA TYR C 3 -29.30 13.96 19.16
C TYR C 3 -29.64 14.31 17.70
N LYS C 4 -29.54 15.59 17.32
CA LYS C 4 -29.65 16.02 15.92
C LYS C 4 -28.40 15.58 15.13
N PRO C 5 -28.57 14.74 14.07
CA PRO C 5 -27.44 14.53 13.14
C PRO C 5 -27.26 15.73 12.22
N VAL C 6 -26.00 16.06 11.92
CA VAL C 6 -25.66 17.22 11.05
C VAL C 6 -25.99 16.82 9.61
N ASP C 7 -27.01 17.46 9.05
CA ASP C 7 -27.52 17.14 7.71
C ASP C 7 -26.56 17.67 6.64
N LEU C 8 -26.35 16.86 5.60
CA LEU C 8 -25.53 17.22 4.43
C LEU C 8 -26.21 16.87 3.08
N SER C 9 -27.54 16.73 3.07
CA SER C 9 -28.31 16.41 1.85
C SER C 9 -28.64 17.69 1.08
N LYS C 10 -27.69 18.13 0.27
CA LYS C 10 -27.85 19.31 -0.60
C LYS C 10 -28.85 19.14 -1.76
N VAL C 11 -29.14 17.89 -2.17
CA VAL C 11 -30.13 17.52 -3.20
C VAL C 11 -29.65 17.85 -4.62
CL CL D . 3.12 -9.96 -2.84
CL CL E . 6.20 -11.76 -23.48
#